data_4DXU
#
_entry.id   4DXU
#
_cell.length_a   62.655
_cell.length_b   49.924
_cell.length_c   65.361
_cell.angle_alpha   90.00
_cell.angle_beta   107.31
_cell.angle_gamma   90.00
#
_symmetry.space_group_name_H-M   'P 1 21 1'
#
loop_
_entity.id
_entity.type
_entity.pdbx_description
1 polymer Lactotransferrin
2 polymer 'C-TERMINAL PEPTIDE OF Lactotransferrin'
3 branched 2-acetamido-2-deoxy-beta-D-glucopyranose-(1-4)-2-acetamido-2-deoxy-beta-D-glucopyranose
4 non-polymer 2-acetamido-2-deoxy-beta-D-glucopyranose
5 non-polymer 'FE (III) ION'
6 non-polymer 'ZINC ION'
7 non-polymer 'CARBONATE ION'
8 non-polymer 'SULFATE ION'
9 non-polymer '6-AMINOHEXANOIC ACID'
10 water water
#
loop_
_entity_poly.entity_id
_entity_poly.type
_entity_poly.pdbx_seq_one_letter_code
_entity_poly.pdbx_strand_id
1 'polypeptide(L)'
;YTRVVWCAVGPEEQKKCQQWSQQSGQNVTCATASTTDDCIVLVLKGEADALNLDGGYIYTAGKCGLVPVLAENRKSSKHS
SLDCVLRPTEGYLAVAVVKKANEGLTWNSLKDKKSCHTAVDRTAGWNIPMGLIVNQTGSCAFDEFFSQSCAPGADPKSRL
CALCAGDDQGLDKCVPNSKEKYYGYTGAFRCLAEDVGDVAFVKNDTVWENTNGESTADWAKNLKREDFRLLCLDGTRKPV
TEAQSCHLAVAPNHAVVSRSDRAAHVEQVLLHQQALFGKNGKNCPDKFCLFKSETKNLLFNDNTECLAKLGGRPTYEEYL
GTEYVTAIANLKKCS
;
A
2 'polypeptide(L)' LEACAF B
#
loop_
_chem_comp.id
_chem_comp.type
_chem_comp.name
_chem_comp.formula
CO3 non-polymer 'CARBONATE ION' 'C O3 -2'
FE non-polymer 'FE (III) ION' 'Fe 3'
NAG D-saccharide, beta linking 2-acetamido-2-deoxy-beta-D-glucopyranose 'C8 H15 N O6'
SO4 non-polymer 'SULFATE ION' 'O4 S -2'
ZN non-polymer 'ZINC ION' 'Zn 2'
#
# COMPACT_ATOMS: atom_id res chain seq x y z
N TYR A 1 24.36 21.60 0.08
CA TYR A 1 23.05 20.89 0.30
C TYR A 1 23.26 19.69 1.24
N THR A 2 22.14 19.11 1.69
CA THR A 2 22.22 18.03 2.64
C THR A 2 21.72 16.76 1.82
N ARG A 3 22.24 15.66 2.32
CA ARG A 3 21.79 14.37 1.87
C ARG A 3 20.35 14.16 2.38
N VAL A 4 19.56 13.35 1.64
CA VAL A 4 18.23 12.93 2.12
C VAL A 4 18.34 11.47 2.57
N VAL A 5 17.89 11.25 3.80
CA VAL A 5 17.96 9.93 4.44
C VAL A 5 16.54 9.30 4.26
N TRP A 6 16.47 8.28 3.38
CA TRP A 6 15.22 7.54 3.17
C TRP A 6 15.05 6.47 4.22
N CYS A 7 13.79 6.08 4.54
CA CYS A 7 13.61 4.99 5.45
C CYS A 7 13.00 3.76 4.73
N ALA A 8 13.77 2.69 4.74
CA ALA A 8 13.33 1.43 4.08
C ALA A 8 12.74 0.55 5.14
N VAL A 9 11.64 -0.10 4.79
CA VAL A 9 10.93 -1.05 5.68
C VAL A 9 11.30 -2.46 5.35
N GLY A 10 12.14 -3.06 6.25
CA GLY A 10 12.61 -4.44 6.02
C GLY A 10 13.75 -4.56 5.06
N PRO A 11 14.36 -5.76 5.00
CA PRO A 11 15.65 -5.90 4.31
C PRO A 11 15.65 -5.88 2.80
N GLU A 12 14.46 -6.15 2.20
CA GLU A 12 14.39 -6.09 0.74
C GLU A 12 14.37 -4.62 0.32
N GLU A 13 13.55 -3.81 1.01
CA GLU A 13 13.58 -2.37 0.76
C GLU A 13 14.99 -1.81 1.04
N GLN A 14 15.63 -2.29 2.13
CA GLN A 14 16.95 -1.74 2.46
C GLN A 14 17.92 -2.04 1.28
N LYS A 15 17.91 -3.25 0.74
CA LYS A 15 18.78 -3.52 -0.40
C LYS A 15 18.54 -2.62 -1.59
N LYS A 16 17.25 -2.39 -1.89
CA LYS A 16 16.96 -1.45 -3.00
C LYS A 16 17.42 -0.04 -2.70
N CYS A 17 17.21 0.38 -1.42
CA CYS A 17 17.64 1.73 -1.05
C CYS A 17 19.14 1.83 -1.15
N GLN A 18 19.86 0.78 -0.77
CA GLN A 18 21.32 0.88 -0.87
C GLN A 18 21.75 1.00 -2.36
N GLN A 19 21.04 0.34 -3.30
CA GLN A 19 21.39 0.52 -4.72
C GLN A 19 21.10 1.94 -5.18
N TRP A 20 19.96 2.47 -4.74
CA TRP A 20 19.64 3.84 -5.08
C TRP A 20 20.72 4.77 -4.52
N SER A 21 21.07 4.56 -3.27
CA SER A 21 22.09 5.47 -2.62
C SER A 21 23.42 5.47 -3.42
N GLN A 22 23.88 4.27 -3.77
CA GLN A 22 25.14 4.15 -4.55
C GLN A 22 24.95 4.90 -5.88
N GLN A 23 23.83 4.72 -6.57
CA GLN A 23 23.65 5.34 -7.86
C GLN A 23 23.53 6.84 -7.76
N SER A 24 22.99 7.33 -6.62
CA SER A 24 22.74 8.75 -6.41
C SER A 24 24.01 9.54 -5.94
N GLY A 25 25.13 8.82 -5.84
CA GLY A 25 26.40 9.35 -5.31
C GLY A 25 26.15 9.84 -3.89
N GLN A 26 25.30 9.09 -3.19
CA GLN A 26 24.94 9.41 -1.76
C GLN A 26 24.20 10.67 -1.58
N ASN A 27 23.57 11.21 -2.60
CA ASN A 27 22.60 12.26 -2.40
C ASN A 27 21.40 11.73 -1.58
N VAL A 28 21.12 10.43 -1.75
CA VAL A 28 20.17 9.73 -0.88
C VAL A 28 20.95 8.66 -0.14
N THR A 29 20.70 8.54 1.14
CA THR A 29 21.21 7.48 1.98
C THR A 29 20.07 6.80 2.75
N CYS A 30 20.36 5.73 3.48
CA CYS A 30 19.28 4.81 3.89
C CYS A 30 19.31 4.55 5.37
N ALA A 31 18.20 4.62 6.01
CA ALA A 31 18.00 4.07 7.33
C ALA A 31 16.98 2.97 7.11
N THR A 32 16.96 1.97 7.98
CA THR A 32 16.01 0.88 7.82
C THR A 32 15.42 0.52 9.15
N ALA A 33 14.15 0.15 9.09
CA ALA A 33 13.40 -0.29 10.30
C ALA A 33 12.54 -1.52 9.91
N SER A 34 11.99 -2.20 10.90
CA SER A 34 11.28 -3.44 10.64
C SER A 34 9.90 -3.22 10.16
N THR A 35 9.29 -2.09 10.53
CA THR A 35 7.90 -1.86 10.19
C THR A 35 7.75 -0.40 9.73
N THR A 36 6.61 -0.07 9.10
CA THR A 36 6.40 1.31 8.66
C THR A 36 6.21 2.21 9.86
N ASP A 37 5.53 1.76 10.93
CA ASP A 37 5.43 2.64 12.11
C ASP A 37 6.81 2.92 12.68
N ASP A 38 7.74 1.96 12.69
CA ASP A 38 9.09 2.25 13.19
C ASP A 38 9.77 3.23 12.28
N CYS A 39 9.64 3.19 10.95
CA CYS A 39 10.21 4.23 10.04
C CYS A 39 9.59 5.60 10.38
N ILE A 40 8.27 5.67 10.62
CA ILE A 40 7.63 6.93 11.00
C ILE A 40 8.34 7.48 12.24
N VAL A 41 8.60 6.65 13.23
CA VAL A 41 9.31 7.10 14.48
C VAL A 41 10.69 7.55 14.12
N LEU A 42 11.48 6.89 13.24
CA LEU A 42 12.81 7.40 12.85
C LEU A 42 12.67 8.78 12.27
N VAL A 43 11.66 8.98 11.44
CA VAL A 43 11.54 10.35 10.83
C VAL A 43 11.14 11.36 11.91
N LEU A 44 10.25 11.03 12.84
CA LEU A 44 9.90 11.94 13.93
C LEU A 44 11.07 12.24 14.77
N LYS A 45 12.01 11.34 14.97
CA LYS A 45 13.21 11.63 15.75
C LYS A 45 14.25 12.41 14.98
N GLY A 46 14.08 12.55 13.68
CA GLY A 46 15.04 13.20 12.80
C GLY A 46 16.19 12.32 12.39
N GLU A 47 16.02 11.00 12.56
CA GLU A 47 17.04 9.99 12.18
C GLU A 47 16.81 9.41 10.78
N ALA A 48 15.69 9.81 10.19
CA ALA A 48 15.50 9.62 8.75
C ALA A 48 14.70 10.84 8.29
N ASP A 49 14.72 11.09 6.97
CA ASP A 49 13.97 12.22 6.44
C ASP A 49 12.60 11.93 5.87
N ALA A 50 12.44 10.75 5.21
CA ALA A 50 11.20 10.58 4.45
C ALA A 50 11.01 9.12 4.06
N LEU A 51 9.76 8.78 3.74
CA LEU A 51 9.46 7.51 3.08
C LEU A 51 8.13 7.66 2.38
N ASN A 52 7.78 6.73 1.49
CA ASN A 52 6.54 6.82 0.81
C ASN A 52 5.57 5.90 1.50
N LEU A 53 4.36 6.32 1.68
CA LEU A 53 3.36 5.72 2.61
C LEU A 53 2.01 5.47 1.98
N ASP A 54 1.38 4.33 2.27
CA ASP A 54 -0.08 4.16 2.08
C ASP A 54 -0.85 5.23 2.89
N GLY A 55 -2.04 5.53 2.46
CA GLY A 55 -2.85 6.59 3.15
C GLY A 55 -3.14 6.28 4.56
N GLY A 56 -3.31 4.99 4.95
CA GLY A 56 -3.59 4.68 6.41
C GLY A 56 -2.34 5.04 7.23
N TYR A 57 -1.17 4.82 6.67
CA TYR A 57 0.05 5.17 7.42
C TYR A 57 0.21 6.66 7.33
N ILE A 58 -0.21 7.35 6.22
CA ILE A 58 -0.14 8.86 6.26
C ILE A 58 -0.97 9.37 7.41
N TYR A 59 -2.11 8.74 7.72
CA TYR A 59 -2.87 9.19 8.89
C TYR A 59 -2.07 9.09 10.19
N THR A 60 -1.42 7.94 10.43
CA THR A 60 -0.60 7.81 11.62
C THR A 60 0.50 8.86 11.59
N ALA A 61 1.22 9.05 10.45
CA ALA A 61 2.35 9.98 10.38
C ALA A 61 1.80 11.41 10.62
N GLY A 62 0.65 11.71 10.02
CA GLY A 62 0.11 13.10 10.03
C GLY A 62 -0.35 13.45 11.41
N LYS A 63 -0.94 12.54 12.15
CA LYS A 63 -1.29 12.82 13.56
C LYS A 63 -0.03 13.20 14.37
N CYS A 64 1.14 12.78 13.96
CA CYS A 64 2.41 13.09 14.63
C CYS A 64 3.15 14.24 14.09
N GLY A 65 2.58 14.90 13.09
CA GLY A 65 3.16 16.10 12.53
C GLY A 65 3.84 16.01 11.22
N LEU A 66 3.93 14.81 10.61
CA LEU A 66 4.60 14.77 9.32
C LEU A 66 3.60 15.16 8.22
N VAL A 67 4.19 15.61 7.12
CA VAL A 67 3.40 16.30 6.03
C VAL A 67 3.60 15.59 4.71
N PRO A 68 2.58 15.63 3.84
CA PRO A 68 2.76 15.03 2.47
C PRO A 68 3.61 15.93 1.66
N VAL A 69 4.46 15.31 0.83
CA VAL A 69 5.49 16.02 0.00
C VAL A 69 5.21 15.89 -1.49
N LEU A 70 5.07 14.66 -2.01
CA LEU A 70 4.81 14.32 -3.42
C LEU A 70 3.97 13.08 -3.39
N ALA A 71 3.19 12.85 -4.41
CA ALA A 71 2.32 11.68 -4.41
C ALA A 71 2.69 10.75 -5.57
N GLU A 72 2.53 9.43 -5.40
CA GLU A 72 2.57 8.55 -6.58
C GLU A 72 1.51 8.92 -7.60
N ASN A 73 1.94 8.91 -8.89
CA ASN A 73 0.97 9.09 -10.00
C ASN A 73 1.21 7.90 -10.90
N ARG A 74 0.15 7.14 -11.09
CA ARG A 74 0.30 6.03 -12.07
C ARG A 74 -0.23 6.55 -13.42
N LYS A 75 -0.01 5.77 -14.47
CA LYS A 75 -0.65 6.09 -15.78
C LYS A 75 -2.12 6.45 -15.62
N SER A 76 -2.54 7.53 -16.32
CA SER A 76 -3.95 7.96 -16.22
C SER A 76 -4.81 7.20 -17.20
N SER A 77 -6.08 6.99 -16.86
CA SER A 77 -6.99 6.30 -17.78
C SER A 77 -7.30 7.21 -18.99
N LYS A 78 -7.31 8.53 -18.77
CA LYS A 78 -7.63 9.51 -19.81
C LYS A 78 -6.36 10.21 -20.23
N HIS A 79 -6.22 10.44 -21.55
CA HIS A 79 -5.09 11.17 -22.13
C HIS A 79 -4.93 12.51 -21.47
N SER A 80 -3.68 12.92 -21.29
CA SER A 80 -3.43 14.22 -20.74
C SER A 80 -2.15 14.74 -21.37
N SER A 81 -2.21 16.02 -21.76
CA SER A 81 -1.05 16.77 -22.28
C SER A 81 -0.10 17.30 -21.16
N LEU A 82 -0.55 17.26 -19.89
CA LEU A 82 0.27 17.65 -18.74
C LEU A 82 1.42 16.68 -18.46
N ASP A 83 2.57 17.24 -18.04
CA ASP A 83 3.67 16.38 -17.61
C ASP A 83 3.16 15.59 -16.33
N CYS A 84 3.61 14.32 -16.29
CA CYS A 84 3.30 13.50 -15.08
C CYS A 84 3.41 14.26 -13.74
N VAL A 85 4.47 15.05 -13.59
CA VAL A 85 4.68 15.70 -12.30
C VAL A 85 3.61 16.69 -11.99
N LEU A 86 2.94 17.24 -13.04
CA LEU A 86 1.87 18.22 -12.82
C LEU A 86 0.47 17.71 -13.02
N ARG A 87 0.34 16.44 -13.44
CA ARG A 87 -0.96 15.88 -13.70
C ARG A 87 -1.66 15.57 -12.35
N PRO A 88 -2.96 15.92 -12.23
CA PRO A 88 -3.63 15.63 -10.92
C PRO A 88 -3.70 14.09 -10.61
N THR A 89 -3.50 13.69 -9.35
CA THR A 89 -3.59 12.22 -9.01
C THR A 89 -5.04 11.76 -9.13
N GLU A 90 -5.26 10.48 -9.51
CA GLU A 90 -6.59 9.93 -9.48
C GLU A 90 -6.43 8.79 -8.40
N GLY A 91 -7.24 8.77 -7.43
CA GLY A 91 -7.10 7.69 -6.38
C GLY A 91 -7.16 6.32 -7.04
N TYR A 92 -6.83 5.31 -6.25
CA TYR A 92 -6.97 3.92 -6.73
C TYR A 92 -8.19 3.27 -6.13
N LEU A 93 -8.63 2.16 -6.73
CA LEU A 93 -9.87 1.54 -6.29
C LEU A 93 -9.62 0.38 -5.30
N ALA A 94 -10.10 0.52 -4.11
CA ALA A 94 -10.00 -0.59 -3.12
C ALA A 94 -11.05 -1.60 -3.50
N VAL A 95 -10.70 -2.88 -3.56
CA VAL A 95 -11.68 -3.89 -3.99
C VAL A 95 -11.56 -5.10 -3.08
N ALA A 96 -12.56 -5.96 -3.05
CA ALA A 96 -12.55 -7.27 -2.43
C ALA A 96 -12.58 -8.29 -3.51
N VAL A 97 -11.61 -9.20 -3.57
CA VAL A 97 -11.44 -10.13 -4.67
C VAL A 97 -11.57 -11.54 -4.10
N VAL A 98 -12.26 -12.35 -4.92
CA VAL A 98 -12.49 -13.79 -4.56
C VAL A 98 -12.22 -14.59 -5.80
N LYS A 99 -12.18 -15.92 -5.59
CA LYS A 99 -12.13 -16.79 -6.82
C LYS A 99 -13.58 -17.03 -7.39
N LYS A 100 -13.61 -16.98 -8.71
CA LYS A 100 -14.92 -17.30 -9.45
C LYS A 100 -15.45 -18.70 -9.02
N ALA A 101 -14.50 -19.59 -8.83
CA ALA A 101 -14.92 -20.99 -8.42
C ALA A 101 -15.55 -21.02 -7.04
N ASN A 102 -15.33 -20.02 -6.20
CA ASN A 102 -15.92 -19.98 -4.90
C ASN A 102 -17.29 -19.36 -5.00
N GLU A 103 -18.20 -20.14 -5.55
CA GLU A 103 -19.40 -19.58 -6.11
C GLU A 103 -20.38 -18.96 -5.18
N GLY A 104 -20.45 -19.44 -3.97
CA GLY A 104 -21.40 -18.86 -3.05
C GLY A 104 -21.08 -17.52 -2.38
N LEU A 105 -19.86 -17.08 -2.55
CA LEU A 105 -19.33 -16.02 -1.70
C LEU A 105 -19.69 -14.64 -2.20
N THR A 106 -20.31 -13.85 -1.36
CA THR A 106 -20.56 -12.45 -1.70
C THR A 106 -20.16 -11.60 -0.48
N TRP A 107 -20.22 -10.26 -0.65
CA TRP A 107 -19.97 -9.36 0.47
C TRP A 107 -20.76 -9.77 1.72
N ASN A 108 -22.04 -10.20 1.51
CA ASN A 108 -22.91 -10.52 2.62
C ASN A 108 -22.75 -11.86 3.19
N SER A 109 -21.86 -12.68 2.70
CA SER A 109 -21.55 -13.90 3.39
C SER A 109 -20.08 -14.07 3.77
N LEU A 110 -19.44 -12.93 4.00
CA LEU A 110 -17.98 -12.97 4.43
C LEU A 110 -17.75 -13.43 5.82
N LYS A 111 -18.76 -13.35 6.68
CA LYS A 111 -18.56 -13.82 8.05
C LYS A 111 -18.09 -15.25 8.14
N ASP A 112 -17.05 -15.47 8.96
CA ASP A 112 -16.47 -16.77 9.16
C ASP A 112 -15.70 -17.34 8.00
N LYS A 113 -15.35 -16.46 7.02
CA LYS A 113 -14.51 -16.87 5.94
C LYS A 113 -13.03 -16.48 6.24
N LYS A 114 -12.14 -16.88 5.35
CA LYS A 114 -10.66 -16.67 5.53
C LYS A 114 -10.29 -15.44 4.69
N SER A 115 -9.57 -14.49 5.34
CA SER A 115 -9.29 -13.23 4.59
C SER A 115 -7.82 -12.96 4.47
N CYS A 116 -7.48 -12.25 3.45
CA CYS A 116 -6.07 -11.85 3.16
C CYS A 116 -6.03 -10.29 3.10
N HIS A 117 -5.20 -9.68 3.91
CA HIS A 117 -5.16 -8.19 3.96
C HIS A 117 -3.75 -7.78 3.71
N THR A 118 -3.54 -6.59 3.10
CA THR A 118 -2.19 -6.08 2.85
C THR A 118 -1.43 -5.89 4.17
N ALA A 119 -2.02 -5.22 5.12
CA ALA A 119 -1.46 -5.10 6.52
C ALA A 119 -2.50 -4.34 7.33
N VAL A 120 -2.50 -4.55 8.63
CA VAL A 120 -3.32 -3.66 9.52
C VAL A 120 -2.86 -2.22 9.22
N ASP A 121 -3.88 -1.34 9.32
CA ASP A 121 -3.73 0.10 9.20
C ASP A 121 -3.53 0.59 7.76
N ARG A 122 -3.49 -0.26 6.70
CA ARG A 122 -3.42 0.24 5.34
C ARG A 122 -4.83 0.42 4.74
N THR A 123 -4.90 1.28 3.73
CA THR A 123 -6.24 1.68 3.19
C THR A 123 -7.12 0.56 2.60
N ALA A 124 -6.65 -0.01 1.47
CA ALA A 124 -7.52 -1.05 0.87
C ALA A 124 -7.47 -2.32 1.67
N GLY A 125 -6.34 -2.56 2.33
CA GLY A 125 -6.19 -3.88 3.02
C GLY A 125 -6.93 -3.94 4.32
N TRP A 126 -7.25 -2.79 4.93
CA TRP A 126 -7.71 -2.82 6.30
C TRP A 126 -8.71 -1.72 6.65
N ASN A 127 -8.33 -0.44 6.53
CA ASN A 127 -9.22 0.63 7.00
C ASN A 127 -10.57 0.66 6.30
N ILE A 128 -10.51 0.48 4.99
CA ILE A 128 -11.83 0.49 4.20
C ILE A 128 -12.64 -0.78 4.49
N PRO A 129 -12.12 -1.98 4.31
CA PRO A 129 -12.99 -3.16 4.56
C PRO A 129 -13.38 -3.30 6.01
N MET A 130 -12.44 -3.14 6.95
CA MET A 130 -12.81 -3.34 8.35
C MET A 130 -13.69 -2.18 8.82
N GLY A 131 -13.51 -1.00 8.33
CA GLY A 131 -14.36 0.13 8.71
C GLY A 131 -15.78 -0.18 8.24
N LEU A 132 -15.95 -0.67 7.01
CA LEU A 132 -17.31 -1.07 6.50
C LEU A 132 -17.87 -2.21 7.32
N ILE A 133 -17.06 -3.23 7.59
CA ILE A 133 -17.57 -4.38 8.38
C ILE A 133 -17.98 -3.98 9.78
N VAL A 134 -17.16 -3.21 10.52
CA VAL A 134 -17.58 -2.72 11.88
C VAL A 134 -18.92 -2.02 11.75
N ASN A 135 -19.03 -1.14 10.80
CA ASN A 135 -20.26 -0.35 10.66
C ASN A 135 -21.46 -1.25 10.36
N GLN A 136 -21.32 -2.14 9.38
CA GLN A 136 -22.47 -3.00 9.01
C GLN A 136 -22.85 -4.00 10.05
N THR A 137 -21.91 -4.52 10.82
CA THR A 137 -22.19 -5.49 11.87
C THR A 137 -22.63 -4.75 13.16
N GLY A 138 -22.38 -3.44 13.26
CA GLY A 138 -22.52 -2.73 14.54
C GLY A 138 -21.68 -3.27 15.68
N SER A 139 -20.48 -3.73 15.38
CA SER A 139 -19.63 -4.34 16.37
C SER A 139 -18.16 -4.02 16.14
N CYS A 140 -17.47 -3.63 17.18
CA CYS A 140 -15.98 -3.45 17.13
C CYS A 140 -15.17 -4.75 17.11
N ALA A 141 -15.86 -5.89 17.23
CA ALA A 141 -15.15 -7.17 17.39
C ALA A 141 -14.73 -7.66 15.99
N PHE A 142 -14.16 -6.76 15.18
CA PHE A 142 -13.67 -7.17 13.85
C PHE A 142 -12.56 -8.25 13.90
N ASP A 143 -11.98 -8.54 15.07
CA ASP A 143 -10.94 -9.53 15.15
C ASP A 143 -11.46 -10.91 15.24
N GLU A 144 -12.78 -10.99 15.28
CA GLU A 144 -13.56 -12.23 15.35
C GLU A 144 -14.53 -12.42 14.16
N PHE A 145 -14.50 -11.54 13.19
CA PHE A 145 -15.36 -11.64 12.04
C PHE A 145 -14.98 -12.73 11.07
N PHE A 146 -13.71 -12.75 10.64
CA PHE A 146 -13.27 -13.80 9.74
C PHE A 146 -12.78 -14.95 10.61
N SER A 147 -12.88 -16.18 10.12
CA SER A 147 -12.42 -17.31 10.97
C SER A 147 -10.91 -17.27 11.12
N GLN A 148 -10.17 -16.94 10.03
CA GLN A 148 -8.71 -16.86 10.12
C GLN A 148 -8.34 -15.79 9.07
N SER A 149 -7.18 -15.12 9.32
CA SER A 149 -6.77 -14.14 8.32
C SER A 149 -5.23 -14.11 8.22
N CYS A 150 -4.71 -13.44 7.22
CA CYS A 150 -3.37 -12.89 7.26
C CYS A 150 -3.52 -11.40 7.21
N ALA A 151 -3.20 -10.76 8.32
CA ALA A 151 -3.33 -9.26 8.46
C ALA A 151 -2.02 -8.85 9.11
N PRO A 152 -0.98 -8.71 8.30
CA PRO A 152 0.39 -8.36 8.89
C PRO A 152 0.33 -7.20 9.84
N GLY A 153 0.98 -7.33 11.00
CA GLY A 153 0.91 -6.32 12.02
C GLY A 153 0.03 -6.65 13.17
N ALA A 154 -0.87 -7.61 13.00
CA ALA A 154 -1.71 -8.04 14.08
C ALA A 154 -0.92 -9.00 15.05
N ASP A 155 -1.59 -9.35 16.14
CA ASP A 155 -0.85 -10.29 17.11
C ASP A 155 -0.53 -11.61 16.42
N PRO A 156 0.72 -12.04 16.37
CA PRO A 156 1.03 -13.28 15.62
C PRO A 156 0.39 -14.54 16.15
N LYS A 157 -0.05 -14.55 17.41
CA LYS A 157 -0.74 -15.78 17.86
C LYS A 157 -2.19 -15.75 17.58
N SER A 158 -2.73 -14.64 17.07
CA SER A 158 -4.20 -14.46 16.94
C SER A 158 -4.66 -14.95 15.59
N ARG A 159 -5.99 -15.11 15.54
CA ARG A 159 -6.58 -15.61 14.28
C ARG A 159 -6.31 -14.64 13.13
N LEU A 160 -6.10 -13.34 13.48
CA LEU A 160 -5.77 -12.38 12.37
C LEU A 160 -4.44 -12.64 11.71
N CYS A 161 -3.56 -13.42 12.32
CA CYS A 161 -2.29 -13.84 11.69
C CYS A 161 -2.18 -15.30 11.34
N ALA A 162 -3.31 -16.04 11.53
CA ALA A 162 -3.18 -17.51 11.34
C ALA A 162 -2.80 -17.96 9.98
N LEU A 163 -3.19 -17.19 8.96
CA LEU A 163 -2.84 -17.56 7.59
C LEU A 163 -1.50 -17.04 7.11
N CYS A 164 -0.90 -16.13 7.91
CA CYS A 164 0.36 -15.60 7.44
C CYS A 164 1.50 -16.65 7.48
N ALA A 165 2.42 -16.51 6.58
CA ALA A 165 3.45 -17.63 6.39
C ALA A 165 4.84 -17.22 6.69
N GLY A 166 5.15 -15.97 7.06
CA GLY A 166 6.53 -15.63 7.30
C GLY A 166 7.38 -15.72 6.05
N ASP A 167 8.70 -15.81 6.35
CA ASP A 167 9.74 -15.83 5.30
C ASP A 167 10.10 -17.23 4.84
N ASP A 168 11.16 -17.33 4.04
CA ASP A 168 11.54 -18.64 3.44
C ASP A 168 11.71 -19.71 4.48
N GLN A 169 12.15 -19.33 5.68
CA GLN A 169 12.33 -20.22 6.83
C GLN A 169 11.17 -20.33 7.74
N GLY A 170 10.08 -19.62 7.45
CA GLY A 170 8.99 -19.54 8.39
C GLY A 170 9.20 -18.67 9.62
N LEU A 171 10.22 -17.76 9.64
CA LEU A 171 10.39 -16.76 10.68
C LEU A 171 9.58 -15.54 10.34
N ASP A 172 9.37 -14.62 11.25
CA ASP A 172 8.78 -13.33 10.96
C ASP A 172 7.34 -13.50 10.47
N LYS A 173 6.64 -14.53 10.89
CA LYS A 173 5.21 -14.69 10.50
C LYS A 173 4.50 -13.44 10.93
N CYS A 174 3.71 -12.87 9.96
CA CYS A 174 2.82 -11.73 10.25
C CYS A 174 3.53 -10.42 10.39
N VAL A 175 4.85 -10.34 10.18
CA VAL A 175 5.47 -9.01 10.31
C VAL A 175 5.00 -8.20 9.10
N PRO A 176 4.83 -6.88 9.33
CA PRO A 176 4.29 -6.05 8.24
C PRO A 176 5.42 -5.48 7.43
N ASN A 177 6.13 -6.37 6.81
CA ASN A 177 7.11 -6.00 5.82
C ASN A 177 7.26 -7.10 4.75
N SER A 178 7.97 -6.85 3.69
CA SER A 178 7.99 -7.74 2.49
C SER A 178 8.60 -9.10 2.82
N LYS A 179 9.21 -9.32 3.97
CA LYS A 179 9.69 -10.70 4.32
C LYS A 179 8.54 -11.62 4.51
N GLU A 180 7.40 -11.14 4.98
CA GLU A 180 6.18 -11.96 5.13
C GLU A 180 5.64 -12.27 3.74
N LYS A 181 5.48 -13.56 3.41
CA LYS A 181 5.06 -13.98 2.06
C LYS A 181 3.79 -13.29 1.62
N TYR A 182 2.85 -13.14 2.54
CA TYR A 182 1.53 -12.58 2.20
C TYR A 182 1.39 -11.09 2.52
N TYR A 183 2.53 -10.37 2.67
CA TYR A 183 2.40 -8.91 2.90
C TYR A 183 2.10 -8.11 1.65
N GLY A 184 1.31 -7.02 1.93
CA GLY A 184 1.21 -5.95 0.89
C GLY A 184 0.19 -6.37 -0.17
N TYR A 185 0.07 -5.50 -1.19
CA TYR A 185 -0.83 -5.85 -2.27
C TYR A 185 -0.55 -7.21 -2.92
N THR A 186 0.70 -7.40 -3.31
CA THR A 186 0.96 -8.64 -4.03
C THR A 186 0.92 -9.86 -3.09
N GLY A 187 1.30 -9.72 -1.81
CA GLY A 187 1.27 -10.84 -0.89
C GLY A 187 -0.18 -11.19 -0.60
N ALA A 188 -1.12 -10.21 -0.42
CA ALA A 188 -2.48 -10.52 -0.09
C ALA A 188 -3.16 -11.16 -1.33
N PHE A 189 -2.84 -10.66 -2.51
CA PHE A 189 -3.39 -11.28 -3.73
C PHE A 189 -2.83 -12.74 -3.86
N ARG A 190 -1.55 -12.97 -3.53
CA ARG A 190 -0.99 -14.33 -3.61
C ARG A 190 -1.75 -15.17 -2.58
N CYS A 191 -2.07 -14.70 -1.38
CA CYS A 191 -2.84 -15.44 -0.36
C CYS A 191 -4.16 -15.90 -0.95
N LEU A 192 -4.82 -15.08 -1.75
CA LEU A 192 -6.00 -15.51 -2.44
C LEU A 192 -5.70 -16.46 -3.59
N ALA A 193 -4.69 -16.14 -4.38
CA ALA A 193 -4.36 -16.99 -5.59
C ALA A 193 -4.10 -18.46 -5.14
N GLU A 194 -3.46 -18.62 -4.04
CA GLU A 194 -3.04 -19.94 -3.53
C GLU A 194 -4.16 -20.53 -2.72
N ASP A 195 -5.35 -19.95 -2.60
CA ASP A 195 -6.51 -20.43 -1.80
C ASP A 195 -6.19 -20.61 -0.36
N VAL A 196 -5.18 -19.82 0.09
CA VAL A 196 -5.00 -19.73 1.57
C VAL A 196 -6.19 -18.96 2.18
N GLY A 197 -6.59 -17.85 1.52
CA GLY A 197 -7.78 -17.15 1.92
C GLY A 197 -8.96 -17.31 0.93
N ASP A 198 -10.15 -16.95 1.39
CA ASP A 198 -11.31 -16.81 0.51
C ASP A 198 -11.45 -15.44 -0.18
N VAL A 199 -10.88 -14.40 0.45
CA VAL A 199 -11.07 -13.06 -0.05
C VAL A 199 -9.75 -12.31 0.18
N ALA A 200 -9.41 -11.44 -0.79
CA ALA A 200 -8.25 -10.55 -0.60
C ALA A 200 -8.78 -9.12 -0.71
N PHE A 201 -8.29 -8.28 0.23
CA PHE A 201 -8.57 -6.81 0.22
C PHE A 201 -7.38 -6.14 -0.34
N VAL A 202 -7.40 -5.78 -1.62
CA VAL A 202 -6.32 -5.13 -2.36
C VAL A 202 -6.89 -4.02 -3.19
N LYS A 203 -6.18 -3.60 -4.21
CA LYS A 203 -6.72 -2.62 -5.16
C LYS A 203 -6.87 -3.22 -6.52
N ASN A 204 -7.69 -2.50 -7.33
CA ASN A 204 -7.90 -3.00 -8.67
C ASN A 204 -6.64 -3.32 -9.38
N ASP A 205 -5.62 -2.46 -9.34
CA ASP A 205 -4.43 -2.63 -10.19
C ASP A 205 -3.77 -3.92 -9.86
N THR A 206 -3.77 -4.33 -8.56
CA THR A 206 -3.08 -5.57 -8.21
C THR A 206 -3.59 -6.77 -8.99
N VAL A 207 -4.87 -6.85 -9.21
CA VAL A 207 -5.39 -8.06 -9.85
C VAL A 207 -4.88 -8.06 -11.29
N TRP A 208 -4.89 -6.94 -11.97
CA TRP A 208 -4.47 -6.86 -13.38
C TRP A 208 -3.04 -7.09 -13.52
N GLU A 209 -2.19 -6.61 -12.58
CA GLU A 209 -0.79 -6.61 -12.71
C GLU A 209 -0.21 -7.98 -12.40
N ASN A 210 -1.00 -8.90 -11.87
CA ASN A 210 -0.45 -10.20 -11.47
C ASN A 210 -1.23 -11.35 -12.11
N THR A 211 -1.84 -11.03 -13.25
CA THR A 211 -2.60 -12.08 -13.99
C THR A 211 -2.28 -11.95 -15.46
N ASN A 212 -2.67 -13.01 -16.20
CA ASN A 212 -2.60 -12.96 -17.72
C ASN A 212 -1.20 -12.65 -18.22
N GLY A 213 -0.20 -13.09 -17.51
CA GLY A 213 1.18 -12.91 -17.88
C GLY A 213 1.81 -11.57 -17.59
N GLU A 214 1.03 -10.72 -16.89
CA GLU A 214 1.63 -9.39 -16.52
C GLU A 214 2.70 -9.57 -15.46
N SER A 215 2.63 -10.68 -14.73
CA SER A 215 3.73 -11.00 -13.80
C SER A 215 4.27 -12.39 -14.23
N THR A 216 5.60 -12.50 -14.23
CA THR A 216 6.34 -13.71 -14.56
C THR A 216 6.71 -14.47 -13.30
N ALA A 217 6.44 -13.87 -12.13
CA ALA A 217 6.72 -14.57 -10.91
C ALA A 217 6.05 -15.94 -10.85
N ASP A 218 6.75 -16.89 -10.23
CA ASP A 218 6.21 -18.25 -10.23
C ASP A 218 4.75 -18.48 -9.78
N TRP A 219 4.33 -17.80 -8.68
CA TRP A 219 2.96 -18.00 -8.24
C TRP A 219 1.92 -17.27 -9.07
N ALA A 220 2.41 -16.28 -9.85
CA ALA A 220 1.43 -15.45 -10.60
C ALA A 220 1.34 -15.80 -12.09
N LYS A 221 2.44 -16.43 -12.54
CA LYS A 221 2.71 -16.48 -13.99
C LYS A 221 1.64 -17.17 -14.72
N ASN A 222 0.91 -18.08 -14.08
CA ASN A 222 -0.17 -18.85 -14.59
C ASN A 222 -1.61 -18.43 -14.23
N LEU A 223 -1.81 -17.31 -13.49
CA LEU A 223 -3.14 -16.93 -13.11
C LEU A 223 -3.90 -16.22 -14.24
N LYS A 224 -5.19 -16.39 -14.29
CA LYS A 224 -6.04 -15.85 -15.35
C LYS A 224 -7.06 -14.99 -14.65
N ARG A 225 -7.23 -13.77 -15.14
CA ARG A 225 -8.16 -12.83 -14.56
C ARG A 225 -9.57 -13.33 -14.46
N GLU A 226 -9.93 -14.20 -15.46
CA GLU A 226 -11.25 -14.69 -15.53
C GLU A 226 -11.59 -15.66 -14.35
N ASP A 227 -10.57 -16.12 -13.66
CA ASP A 227 -10.73 -16.99 -12.50
C ASP A 227 -11.03 -16.15 -11.23
N PHE A 228 -11.14 -14.82 -11.37
CA PHE A 228 -11.40 -13.97 -10.17
C PHE A 228 -12.64 -13.15 -10.33
N ARG A 229 -13.23 -12.76 -9.24
CA ARG A 229 -14.43 -11.90 -9.22
C ARG A 229 -14.25 -10.84 -8.10
N LEU A 230 -14.89 -9.74 -8.29
CA LEU A 230 -14.93 -8.66 -7.29
C LEU A 230 -16.17 -8.78 -6.51
N LEU A 231 -16.20 -8.46 -5.23
CA LEU A 231 -17.40 -8.47 -4.39
C LEU A 231 -17.88 -7.03 -4.35
N CYS A 232 -19.13 -6.71 -4.78
CA CYS A 232 -19.68 -5.36 -4.72
C CYS A 232 -20.47 -5.23 -3.43
N LEU A 233 -20.59 -4.01 -2.90
CA LEU A 233 -21.29 -3.75 -1.65
C LEU A 233 -22.83 -4.06 -1.75
N ASP A 234 -23.36 -4.11 -2.96
CA ASP A 234 -24.77 -4.49 -3.08
C ASP A 234 -24.95 -5.98 -3.10
N GLY A 235 -23.90 -6.75 -2.79
CA GLY A 235 -24.01 -8.18 -2.68
C GLY A 235 -23.92 -8.91 -3.98
N THR A 236 -23.64 -8.26 -5.13
CA THR A 236 -23.38 -8.92 -6.41
C THR A 236 -21.88 -9.25 -6.58
N ARG A 237 -21.52 -10.04 -7.57
CA ARG A 237 -20.16 -10.39 -7.93
C ARG A 237 -19.96 -9.98 -9.38
N LYS A 238 -18.84 -9.36 -9.70
CA LYS A 238 -18.55 -8.91 -11.05
C LYS A 238 -17.15 -9.28 -11.52
N PRO A 239 -16.96 -9.39 -12.83
CA PRO A 239 -15.67 -9.59 -13.38
C PRO A 239 -14.76 -8.42 -13.02
N VAL A 240 -13.50 -8.72 -13.03
CA VAL A 240 -12.57 -7.70 -12.56
C VAL A 240 -12.46 -6.51 -13.52
N THR A 241 -13.01 -6.58 -14.73
CA THR A 241 -13.18 -5.44 -15.62
C THR A 241 -14.13 -4.40 -15.03
N GLU A 242 -14.90 -4.70 -13.98
CA GLU A 242 -15.96 -3.79 -13.58
C GLU A 242 -15.65 -3.06 -12.27
N ALA A 243 -14.36 -2.86 -12.01
CA ALA A 243 -13.98 -2.28 -10.72
C ALA A 243 -14.56 -0.84 -10.51
N GLN A 244 -14.85 -0.12 -11.62
CA GLN A 244 -15.32 1.26 -11.50
C GLN A 244 -16.74 1.28 -11.00
N SER A 245 -17.45 0.15 -11.10
CA SER A 245 -18.76 -0.05 -10.52
C SER A 245 -18.93 -1.10 -9.46
N CYS A 246 -17.75 -1.55 -8.91
CA CYS A 246 -17.75 -2.65 -7.91
C CYS A 246 -16.47 -2.51 -7.08
N HIS A 247 -16.41 -1.42 -6.33
CA HIS A 247 -15.26 -1.16 -5.41
C HIS A 247 -15.82 -0.82 -4.09
N LEU A 248 -14.93 -0.85 -3.10
CA LEU A 248 -15.29 -0.51 -1.74
C LEU A 248 -15.09 0.97 -1.44
N ALA A 249 -14.12 1.56 -2.10
CA ALA A 249 -13.81 2.97 -1.94
C ALA A 249 -12.80 3.41 -2.95
N VAL A 250 -12.67 4.72 -3.11
CA VAL A 250 -11.54 5.22 -3.85
C VAL A 250 -10.55 5.76 -2.83
N ALA A 251 -9.33 5.25 -2.86
CA ALA A 251 -8.22 5.58 -1.89
C ALA A 251 -7.36 6.65 -2.43
N PRO A 252 -6.80 7.53 -1.54
CA PRO A 252 -5.81 8.52 -1.93
C PRO A 252 -4.48 7.81 -2.26
N ASN A 253 -3.79 8.20 -3.28
CA ASN A 253 -2.54 7.53 -3.68
C ASN A 253 -1.52 7.54 -2.55
N HIS A 254 -0.71 6.51 -2.52
CA HIS A 254 0.46 6.52 -1.63
C HIS A 254 1.28 7.81 -1.89
N ALA A 255 1.91 8.33 -0.84
CA ALA A 255 2.66 9.59 -1.00
C ALA A 255 3.84 9.63 -0.04
N VAL A 256 4.78 10.49 -0.38
CA VAL A 256 5.96 10.68 0.45
C VAL A 256 5.62 11.66 1.58
N VAL A 257 6.06 11.31 2.80
CA VAL A 257 5.95 12.25 3.93
C VAL A 257 7.31 12.55 4.49
N SER A 258 7.40 13.73 5.16
CA SER A 258 8.57 14.10 5.88
C SER A 258 8.20 15.04 7.01
N ARG A 259 9.17 15.37 7.84
CA ARG A 259 8.98 16.48 8.71
C ARG A 259 8.78 17.70 7.95
N SER A 260 8.00 18.59 8.52
CA SER A 260 7.76 19.81 7.85
C SER A 260 9.04 20.66 7.47
N ASP A 261 10.01 20.76 8.36
CA ASP A 261 11.13 21.54 7.92
C ASP A 261 12.09 20.87 7.00
N ARG A 262 11.88 19.57 6.62
CA ARG A 262 12.68 19.03 5.59
C ARG A 262 11.91 18.77 4.28
N ALA A 263 10.63 19.17 4.28
CA ALA A 263 9.80 18.86 3.06
C ALA A 263 10.26 19.48 1.80
N ALA A 264 10.65 20.80 1.84
CA ALA A 264 11.12 21.40 0.64
C ALA A 264 12.37 20.77 0.04
N HIS A 265 13.31 20.36 0.95
CA HIS A 265 14.54 19.76 0.41
C HIS A 265 14.25 18.32 -0.10
N VAL A 266 13.42 17.59 0.66
CA VAL A 266 13.06 16.21 0.18
C VAL A 266 12.40 16.35 -1.16
N GLU A 267 11.52 17.32 -1.33
CA GLU A 267 10.82 17.49 -2.63
C GLU A 267 11.84 17.74 -3.77
N GLN A 268 12.73 18.70 -3.54
CA GLN A 268 13.68 19.05 -4.64
C GLN A 268 14.55 17.86 -4.98
N VAL A 269 15.09 17.15 -3.96
CA VAL A 269 15.91 16.00 -4.22
C VAL A 269 15.15 14.92 -4.97
N LEU A 270 13.91 14.63 -4.54
CA LEU A 270 13.16 13.56 -5.27
C LEU A 270 12.87 13.95 -6.71
N LEU A 271 12.55 15.23 -6.97
CA LEU A 271 12.26 15.61 -8.38
C LEU A 271 13.51 15.39 -9.22
N HIS A 272 14.69 15.63 -8.68
CA HIS A 272 15.89 15.34 -9.42
C HIS A 272 16.17 13.89 -9.50
N GLN A 273 15.94 13.14 -8.38
CA GLN A 273 16.25 11.74 -8.45
C GLN A 273 15.35 10.98 -9.46
N GLN A 274 14.11 11.38 -9.59
CA GLN A 274 13.25 10.68 -10.61
C GLN A 274 13.64 11.14 -12.02
N ALA A 275 14.16 12.35 -12.14
CA ALA A 275 14.61 12.73 -13.51
C ALA A 275 15.72 11.76 -13.96
N LEU A 276 16.54 11.26 -13.03
CA LEU A 276 17.59 10.30 -13.29
C LEU A 276 17.09 8.86 -13.34
N PHE A 277 16.25 8.46 -12.35
CA PHE A 277 15.95 7.02 -12.20
C PHE A 277 14.50 6.64 -12.39
N GLY A 278 13.63 7.58 -12.72
CA GLY A 278 12.24 7.40 -12.86
C GLY A 278 11.88 6.73 -14.18
N LYS A 279 10.57 6.72 -14.46
CA LYS A 279 10.13 6.04 -15.69
C LYS A 279 10.66 6.90 -16.85
N ASN A 280 11.29 6.26 -17.84
CA ASN A 280 12.10 7.02 -18.84
C ASN A 280 13.21 7.97 -18.30
N GLY A 281 13.68 7.80 -17.07
CA GLY A 281 14.72 8.61 -16.50
C GLY A 281 16.05 8.50 -17.26
N LYS A 282 16.90 9.51 -17.11
CA LYS A 282 18.22 9.48 -17.78
C LYS A 282 19.00 8.14 -17.62
N ASN A 283 18.92 7.54 -16.45
CA ASN A 283 19.64 6.42 -16.08
C ASN A 283 18.79 5.15 -15.83
N CYS A 284 17.58 5.17 -16.31
CA CYS A 284 16.71 3.99 -16.19
C CYS A 284 16.30 3.66 -17.62
N PRO A 285 16.46 2.42 -18.06
CA PRO A 285 16.90 1.25 -17.29
C PRO A 285 18.38 0.88 -17.21
N ASP A 286 19.30 1.70 -17.76
CA ASP A 286 20.69 1.27 -17.86
C ASP A 286 21.35 1.04 -16.53
N LYS A 287 21.11 1.96 -15.59
CA LYS A 287 21.77 1.93 -14.32
C LYS A 287 20.80 1.53 -13.22
N PHE A 288 19.69 2.25 -13.07
CA PHE A 288 18.86 1.97 -11.88
C PHE A 288 17.49 2.56 -12.16
N CYS A 289 16.45 1.78 -11.79
CA CYS A 289 15.03 2.29 -11.93
C CYS A 289 14.34 2.34 -10.53
N LEU A 290 14.05 3.55 -10.12
CA LEU A 290 13.53 3.82 -8.75
C LEU A 290 12.15 3.15 -8.60
N PHE A 291 11.37 2.97 -9.68
CA PHE A 291 9.96 2.50 -9.63
C PHE A 291 9.88 1.08 -10.16
N LYS A 292 10.96 0.30 -10.14
CA LYS A 292 10.88 -1.15 -10.37
C LYS A 292 11.48 -1.92 -9.24
N SER A 293 10.93 -3.13 -8.98
CA SER A 293 11.42 -3.99 -7.94
C SER A 293 10.96 -5.44 -8.23
N GLU A 294 10.98 -5.82 -9.47
CA GLU A 294 10.33 -7.17 -9.85
C GLU A 294 8.96 -7.47 -9.22
N THR A 295 8.06 -6.51 -9.32
CA THR A 295 6.63 -6.64 -8.87
C THR A 295 6.44 -6.54 -7.34
N LYS A 296 7.54 -6.28 -6.64
CA LYS A 296 7.43 -6.43 -5.24
C LYS A 296 7.11 -5.08 -4.61
N ASN A 297 6.97 -4.00 -5.39
CA ASN A 297 6.48 -2.69 -4.83
C ASN A 297 7.36 -2.27 -3.68
N LEU A 298 8.68 -2.30 -3.89
CA LEU A 298 9.59 -1.92 -2.84
C LEU A 298 9.92 -0.43 -2.93
N LEU A 299 9.67 0.28 -1.84
CA LEU A 299 9.86 1.79 -1.67
C LEU A 299 8.74 2.56 -2.33
N PHE A 300 8.42 2.22 -3.58
CA PHE A 300 7.33 2.76 -4.31
C PHE A 300 6.59 1.63 -5.01
N ASN A 301 5.34 1.85 -5.36
CA ASN A 301 4.64 0.81 -6.19
C ASN A 301 5.30 0.78 -7.58
N ASP A 302 5.38 -0.43 -8.10
CA ASP A 302 5.98 -0.63 -9.40
C ASP A 302 5.18 0.00 -10.50
N ASN A 303 3.93 0.34 -10.31
CA ASN A 303 3.17 1.01 -11.36
C ASN A 303 3.27 2.58 -11.30
N THR A 304 4.17 3.10 -10.44
CA THR A 304 4.41 4.53 -10.39
C THR A 304 5.07 5.03 -11.67
N GLU A 305 4.38 6.00 -12.32
CA GLU A 305 4.95 6.68 -13.49
C GLU A 305 5.85 7.81 -13.02
N CYS A 306 5.43 8.55 -11.95
CA CYS A 306 6.31 9.59 -11.36
C CYS A 306 5.75 9.88 -9.94
N LEU A 307 6.55 10.69 -9.26
CA LEU A 307 6.03 11.37 -8.04
C LEU A 307 5.56 12.74 -8.51
N ALA A 308 4.36 13.10 -8.13
CA ALA A 308 3.77 14.36 -8.63
C ALA A 308 3.64 15.35 -7.55
N LYS A 309 3.66 16.62 -7.98
CA LYS A 309 3.46 17.74 -7.07
C LYS A 309 2.07 17.80 -6.56
N LEU A 310 1.89 18.21 -5.29
CA LEU A 310 0.60 18.33 -4.74
C LEU A 310 0.07 19.75 -4.95
N GLY A 311 -1.21 19.77 -5.14
CA GLY A 311 -1.98 21.04 -5.32
C GLY A 311 -2.35 21.58 -3.95
N GLY A 312 -2.12 22.89 -3.75
CA GLY A 312 -2.70 23.49 -2.56
C GLY A 312 -1.90 23.23 -1.27
N ARG A 313 -0.62 22.91 -1.35
CA ARG A 313 0.18 22.62 -0.19
C ARG A 313 -0.65 21.96 0.90
N PRO A 314 -1.12 20.73 0.67
CA PRO A 314 -2.17 20.26 1.51
C PRO A 314 -1.69 19.69 2.83
N THR A 315 -2.50 19.86 3.86
CA THR A 315 -2.23 19.16 5.09
C THR A 315 -2.50 17.65 4.92
N TYR A 316 -2.14 16.82 5.89
CA TYR A 316 -2.41 15.42 5.70
C TYR A 316 -3.89 15.19 5.65
N GLU A 317 -4.73 15.94 6.36
CA GLU A 317 -6.17 15.67 6.28
C GLU A 317 -6.69 16.15 4.99
N GLU A 318 -6.21 17.24 4.40
CA GLU A 318 -6.65 17.62 3.05
C GLU A 318 -6.24 16.58 2.04
N TYR A 319 -5.00 16.03 2.15
CA TYR A 319 -4.54 15.04 1.17
C TYR A 319 -5.42 13.74 1.29
N LEU A 320 -5.66 13.28 2.49
CA LEU A 320 -6.42 12.03 2.63
C LEU A 320 -7.90 12.23 2.30
N GLY A 321 -8.40 13.44 2.56
CA GLY A 321 -9.84 13.75 2.44
C GLY A 321 -10.55 13.58 3.70
N THR A 322 -11.47 14.53 3.95
CA THR A 322 -12.17 14.52 5.24
C THR A 322 -12.97 13.24 5.57
N GLU A 323 -13.62 12.75 4.57
CA GLU A 323 -14.44 11.53 4.68
C GLU A 323 -13.54 10.34 5.07
N TYR A 324 -12.39 10.21 4.42
CA TYR A 324 -11.50 9.07 4.75
C TYR A 324 -10.96 9.23 6.13
N VAL A 325 -10.53 10.44 6.56
CA VAL A 325 -10.00 10.66 7.88
C VAL A 325 -11.04 10.28 9.01
N THR A 326 -12.26 10.73 8.75
CA THR A 326 -13.35 10.47 9.71
C THR A 326 -13.61 8.92 9.78
N ALA A 327 -13.60 8.26 8.62
CA ALA A 327 -13.71 6.75 8.57
C ALA A 327 -12.58 6.09 9.41
N ILE A 328 -11.34 6.54 9.27
CA ILE A 328 -10.27 5.98 10.05
C ILE A 328 -10.49 6.27 11.52
N ALA A 329 -10.76 7.52 11.84
CA ALA A 329 -10.93 7.81 13.25
C ALA A 329 -12.09 6.97 13.88
N ASN A 330 -13.17 6.78 13.11
CA ASN A 330 -14.31 5.92 13.55
C ASN A 330 -13.83 4.50 13.84
N LEU A 331 -13.04 3.92 12.92
CA LEU A 331 -12.62 2.56 13.10
C LEU A 331 -11.66 2.45 14.33
N LYS A 332 -10.80 3.47 14.50
CA LYS A 332 -9.77 3.44 15.55
C LYS A 332 -10.40 3.57 16.95
N LYS A 333 -11.62 4.05 17.02
CA LYS A 333 -12.42 3.94 18.29
C LYS A 333 -12.56 2.53 18.82
N CYS A 334 -12.56 1.52 17.94
CA CYS A 334 -12.60 0.15 18.38
C CYS A 334 -11.38 -0.36 19.09
N SER A 335 -10.28 0.37 19.04
CA SER A 335 -9.01 -0.20 19.55
C SER A 335 -8.48 0.38 20.87
N LEU B 1 -10.53 12.87 16.89
CA LEU B 1 -9.70 13.99 17.33
C LEU B 1 -8.73 13.55 18.43
N GLU B 2 -7.69 12.84 18.03
CA GLU B 2 -6.69 12.35 18.98
C GLU B 2 -5.33 13.00 18.72
N ALA B 3 -4.29 12.42 19.31
CA ALA B 3 -2.93 12.93 19.14
C ALA B 3 -2.05 11.92 18.43
N CYS B 4 -0.74 12.04 18.62
CA CYS B 4 0.23 11.14 18.00
C CYS B 4 0.23 9.77 18.76
N ALA B 5 0.27 8.66 18.03
CA ALA B 5 0.33 7.32 18.63
C ALA B 5 1.60 6.98 19.36
N PHE B 6 2.66 7.73 19.17
CA PHE B 6 3.97 7.39 19.72
C PHE B 6 4.38 8.34 20.84
C1 NAG C . -18.64 4.04 9.43
C2 NAG C . -18.16 4.81 8.21
C3 NAG C . -17.92 6.32 8.49
C4 NAG C . -19.10 6.92 9.33
C5 NAG C . -19.42 5.99 10.55
C6 NAG C . -20.60 6.48 11.43
C7 NAG C . -16.80 3.72 6.52
C8 NAG C . -15.49 3.11 6.17
N2 NAG C . -16.94 4.14 7.78
O3 NAG C . -17.72 6.98 7.22
O4 NAG C . -18.83 8.22 9.84
O5 NAG C . -19.73 4.73 10.01
O6 NAG C . -21.69 6.75 10.54
O7 NAG C . -17.69 3.86 5.61
C1 NAG C . -19.54 9.33 9.20
C2 NAG C . -19.46 10.52 10.14
C3 NAG C . -20.21 11.74 9.59
C4 NAG C . -19.88 12.04 8.13
C5 NAG C . -19.95 10.74 7.30
C6 NAG C . -19.53 10.88 5.83
C7 NAG C . -19.44 10.01 12.55
C8 NAG C . -20.23 9.63 13.76
N2 NAG C . -20.06 10.14 11.39
O3 NAG C . -19.85 12.83 10.41
O4 NAG C . -20.68 13.13 7.65
O5 NAG C . -19.11 9.75 7.91
O6 NAG C . -18.13 11.06 5.69
O7 NAG C . -18.24 10.18 12.68
C1 NAG D . -7.73 -1.53 -13.05
C2 NAG D . -8.09 -0.34 -13.91
C3 NAG D . -7.52 -0.58 -15.27
C4 NAG D . -6.02 -0.71 -15.28
C5 NAG D . -5.66 -1.86 -14.29
C6 NAG D . -4.12 -1.95 -14.11
C7 NAG D . -10.17 0.80 -13.44
C8 NAG D . -11.69 0.76 -13.60
N2 NAG D . -9.58 -0.30 -13.91
O3 NAG D . -7.85 0.60 -16.00
O4 NAG D . -5.68 -1.23 -16.51
O5 NAG D . -6.30 -1.58 -13.05
O6 NAG D . -3.59 -0.68 -13.66
O7 NAG D . -9.61 1.79 -12.97
C1 NAG D . -4.63 -0.44 -17.09
C2 NAG D . -3.94 -1.19 -18.21
C3 NAG D . -2.96 -0.28 -19.02
C4 NAG D . -3.73 0.94 -19.51
C5 NAG D . -4.12 1.56 -18.17
C6 NAG D . -4.58 3.00 -18.28
C7 NAG D . -3.49 -3.59 -17.86
C8 NAG D . -2.57 -4.60 -17.22
N2 NAG D . -3.19 -2.29 -17.65
O3 NAG D . -2.60 -1.05 -20.13
O4 NAG D . -3.00 1.78 -20.45
O5 NAG D . -5.18 0.79 -17.55
O6 NAG D . -5.83 2.81 -18.94
O7 NAG D . -4.44 -4.01 -18.52
C1 NAG E . 23.87 15.15 -6.20
C2 NAG E . 23.60 15.02 -7.69
C3 NAG E . 24.37 16.21 -8.33
C4 NAG E . 23.96 17.58 -7.79
C5 NAG E . 23.94 17.55 -6.27
C6 NAG E . 23.32 18.88 -5.76
C7 NAG E . 23.12 12.65 -8.34
C8 NAG E . 23.68 11.47 -9.02
N2 NAG E . 23.96 13.74 -8.28
O3 NAG E . 24.07 16.23 -9.71
O4 NAG E . 24.83 18.65 -8.22
O5 NAG E . 23.24 16.36 -5.85
O6 NAG E . 21.95 19.00 -6.09
O7 NAG E . 21.95 12.56 -7.81
FE FE F . -2.63 1.43 -0.30
ZN ZN G . -5.04 23.68 2.56
ZN ZN H . -17.28 4.78 -5.81
C CO3 I . -3.32 -0.63 0.93
O1 CO3 I . -4.22 0.15 0.41
O2 CO3 I . -2.12 -0.31 0.77
O3 CO3 I . -3.79 -1.64 1.48
S SO4 J . -20.02 -15.64 -10.96
O1 SO4 J . -21.45 -16.09 -10.98
O2 SO4 J . -19.43 -15.50 -12.34
O3 SO4 J . -20.04 -14.31 -10.29
O4 SO4 J . -19.38 -16.74 -10.11
C ACA K . -9.01 10.57 -4.09
O ACA K . -7.92 10.68 -4.71
OXT ACA K . -9.98 11.32 -4.30
C2 ACA K . -9.15 9.50 -3.05
C3 ACA K . -10.23 9.88 -2.06
C4 ACA K . -9.63 10.38 -0.74
C5 ACA K . -10.53 10.07 0.44
C6 ACA K . -11.44 11.26 0.75
N ACA K . -12.04 11.07 2.06
#